data_8JKQ
#
_entry.id   8JKQ
#
_cell.length_a   53.630
_cell.length_b   68.890
_cell.length_c   247.100
_cell.angle_alpha   90.00
_cell.angle_beta   90.00
_cell.angle_gamma   90.00
#
_symmetry.space_group_name_H-M   'P 21 21 21'
#
loop_
_entity.id
_entity.type
_entity.pdbx_description
1 polymer GACA-Forward
2 polymer GACA-Reverse
3 polymer 'Interferon regulatory factor 4'
#
loop_
_entity_poly.entity_id
_entity_poly.type
_entity_poly.pdbx_seq_one_letter_code
_entity_poly.pdbx_strand_id
1 'polydeoxyribonucleotide' (DC)(DA)(DA)(DC)(DT)(DG)(DA)(DC)(DA)(DC)(DC)(DG)(DA)(DG)(DA)(DA)(DA)(DC)(DC) A,C
2 'polydeoxyribonucleotide' (DG)(DG)(DT)(DT)(DT)(DC)(DT)(DC)(DG)(DG)(DT)(DG)(DT)(DC)(DA)(DG)(DT)(DT)(DG) B,E
3 'polypeptide(L)'
;GNGKLRQWLIDQIDSGKYPGLVWENEEKSIFRIPWKHAGKQDYNREEDAALFKAWALFKGKFREGIDKPDPPTWKRRLRC
ALNKSNDFEELVERSQLDISDPYKVYRIVPEGAKKG
;
D,G,F,H
#
loop_
_chem_comp.id
_chem_comp.type
_chem_comp.name
_chem_comp.formula
DA DNA linking 2'-DEOXYADENOSINE-5'-MONOPHOSPHATE 'C10 H14 N5 O6 P'
DC DNA linking 2'-DEOXYCYTIDINE-5'-MONOPHOSPHATE 'C9 H14 N3 O7 P'
DG DNA linking 2'-DEOXYGUANOSINE-5'-MONOPHOSPHATE 'C10 H14 N5 O7 P'
DT DNA linking THYMIDINE-5'-MONOPHOSPHATE 'C10 H15 N2 O8 P'
#
# COMPACT_ATOMS: atom_id res chain seq x y z
N ASN C 2 0.14 -9.61 3.64
CA ASN C 2 -0.27 -10.93 4.11
C ASN C 2 0.85 -11.60 4.90
N GLY C 3 0.47 -12.54 5.77
CA GLY C 3 1.45 -13.27 6.55
C GLY C 3 2.23 -12.43 7.53
N LYS C 4 1.61 -11.39 8.09
CA LYS C 4 2.31 -10.52 9.03
C LYS C 4 2.56 -11.19 10.38
N LEU C 5 1.87 -12.29 10.67
CA LEU C 5 1.99 -12.91 11.99
C LEU C 5 3.37 -13.52 12.20
N ARG C 6 3.96 -14.09 11.15
CA ARG C 6 5.26 -14.77 11.31
C ARG C 6 6.34 -13.78 11.71
N GLN C 7 6.61 -12.78 10.86
CA GLN C 7 7.67 -11.83 11.16
C GLN C 7 7.39 -11.02 12.42
N TRP C 8 6.12 -10.76 12.71
CA TRP C 8 5.78 -10.01 13.92
C TRP C 8 6.17 -10.79 15.17
N LEU C 9 5.83 -12.08 15.20
CA LEU C 9 6.13 -12.89 16.39
C LEU C 9 7.63 -13.09 16.57
N ILE C 10 8.36 -13.29 15.47
CA ILE C 10 9.81 -13.43 15.56
C ILE C 10 10.44 -12.17 16.13
N ASP C 11 9.95 -11.00 15.69
CA ASP C 11 10.46 -9.75 16.23
C ASP C 11 10.08 -9.58 17.70
N GLN C 12 8.92 -10.10 18.11
CA GLN C 12 8.53 -9.99 19.51
C GLN C 12 9.39 -10.88 20.40
N ILE C 13 9.76 -12.06 19.92
CA ILE C 13 10.57 -12.95 20.73
C ILE C 13 12.00 -12.44 20.81
N ASP C 14 12.55 -11.98 19.68
CA ASP C 14 13.91 -11.45 19.67
C ASP C 14 14.03 -10.17 20.47
N SER C 15 12.93 -9.45 20.69
CA SER C 15 13.00 -8.19 21.43
C SER C 15 13.36 -8.40 22.89
N GLY C 16 12.97 -9.54 23.47
CA GLY C 16 13.17 -9.77 24.88
C GLY C 16 12.33 -8.91 25.79
N LYS C 17 11.53 -7.99 25.24
CA LYS C 17 10.72 -7.11 26.04
C LYS C 17 9.60 -7.86 26.76
N TYR C 18 9.25 -9.06 26.29
CA TYR C 18 8.20 -9.86 26.89
C TYR C 18 8.82 -10.92 27.78
N PRO C 19 8.72 -10.80 29.11
CA PRO C 19 9.32 -11.76 30.05
C PRO C 19 8.58 -13.09 30.07
N LEU C 21 7.96 -15.32 27.32
CA LEU C 21 8.16 -15.70 25.93
C LEU C 21 9.61 -15.52 25.52
N VAL C 22 10.34 -16.64 25.47
CA VAL C 22 11.76 -16.65 25.16
C VAL C 22 12.04 -17.82 24.21
N TRP C 23 13.15 -17.71 23.49
CA TRP C 23 13.61 -18.82 22.66
C TRP C 23 14.08 -19.98 23.53
N GLU C 24 13.69 -21.20 23.15
CA GLU C 24 14.11 -22.37 23.88
C GLU C 24 15.35 -23.05 23.29
N ASN C 25 15.62 -22.84 22.01
CA ASN C 25 16.87 -23.25 21.38
C ASN C 25 17.55 -22.03 20.75
N GLU C 26 18.75 -22.25 20.22
CA GLU C 26 19.50 -21.20 19.56
C GLU C 26 19.32 -21.18 18.05
N GLU C 27 18.70 -22.21 17.47
CA GLU C 27 18.37 -22.18 16.05
C GLU C 27 17.21 -21.23 15.76
N LYS C 28 16.58 -20.68 16.79
CA LYS C 28 15.44 -19.76 16.64
C LYS C 28 14.29 -20.42 15.89
N SER C 29 14.06 -21.70 16.19
CA SER C 29 12.97 -22.46 15.59
C SER C 29 11.95 -22.97 16.59
N ILE C 30 12.26 -22.97 17.89
CA ILE C 30 11.35 -23.40 18.93
C ILE C 30 11.42 -22.38 20.06
N PHE C 31 10.27 -21.90 20.51
CA PHE C 31 10.24 -20.81 21.49
C PHE C 31 9.17 -21.08 22.55
N ARG C 32 9.29 -20.35 23.66
CA ARG C 32 8.33 -20.38 24.74
C ARG C 32 7.24 -19.34 24.52
N ILE C 33 6.19 -19.41 25.32
CA ILE C 33 5.12 -18.41 25.31
C ILE C 33 4.30 -18.52 26.59
N PRO C 34 4.11 -17.43 27.34
CA PRO C 34 3.31 -17.50 28.56
C PRO C 34 1.86 -17.79 28.25
N TRP C 35 1.20 -18.48 29.19
CA TRP C 35 -0.20 -18.84 29.02
C TRP C 35 -0.86 -18.95 30.40
N LYS C 36 -0.88 -17.84 31.14
CA LYS C 36 -1.51 -17.81 32.44
C LYS C 36 -3.01 -17.61 32.30
N HIS C 37 -3.79 -18.36 33.08
CA HIS C 37 -5.24 -18.23 33.05
C HIS C 37 -5.67 -16.93 33.73
N ALA C 38 -6.62 -16.24 33.11
CA ALA C 38 -7.12 -14.95 33.60
C ALA C 38 -7.96 -15.07 34.86
N GLY C 39 -8.11 -16.26 35.46
CA GLY C 39 -8.88 -16.42 36.67
C GLY C 39 -8.03 -16.59 37.90
N LYS C 40 -6.77 -16.96 37.70
CA LYS C 40 -5.86 -17.16 38.83
C LYS C 40 -5.61 -15.84 39.56
N GLN C 41 -5.37 -15.94 40.86
CA GLN C 41 -5.06 -14.78 41.69
C GLN C 41 -3.64 -14.28 41.49
N ASP C 42 -2.92 -14.86 40.54
CA ASP C 42 -1.57 -14.43 40.17
C ASP C 42 -1.58 -13.72 38.83
N TYR C 43 -2.76 -13.31 38.36
CA TYR C 43 -2.93 -12.74 37.02
C TYR C 43 -2.86 -11.22 37.10
N ASN C 44 -1.77 -10.66 36.57
CA ASN C 44 -1.68 -9.23 36.32
C ASN C 44 -2.18 -8.98 34.90
N ARG C 45 -3.22 -8.14 34.77
CA ARG C 45 -3.82 -7.91 33.47
C ARG C 45 -2.86 -7.26 32.48
N GLU C 46 -1.75 -6.68 32.96
CA GLU C 46 -0.84 -5.95 32.08
C GLU C 46 0.23 -6.86 31.49
N GLU C 47 1.07 -7.48 32.33
CA GLU C 47 2.16 -8.29 31.82
C GLU C 47 1.64 -9.58 31.19
N ASP C 48 0.62 -10.19 31.80
CA ASP C 48 0.14 -11.47 31.29
C ASP C 48 -0.53 -11.33 29.93
N ALA C 49 -1.32 -10.26 29.74
CA ALA C 49 -2.01 -10.01 28.48
C ALA C 49 -1.31 -8.94 27.65
N ALA C 50 0.02 -8.86 27.73
CA ALA C 50 0.74 -7.83 26.99
C ALA C 50 0.81 -8.16 25.51
N LEU C 51 1.24 -9.38 25.17
CA LEU C 51 1.27 -9.81 23.78
C LEU C 51 -0.14 -9.80 23.18
N PHE C 52 -1.11 -10.33 23.92
CA PHE C 52 -2.48 -10.40 23.40
C PHE C 52 -3.03 -9.02 23.10
N LYS C 53 -2.66 -8.03 23.90
CA LYS C 53 -3.05 -6.64 23.61
C LYS C 53 -2.26 -6.10 22.42
N ALA C 54 -0.98 -6.45 22.32
CA ALA C 54 -0.15 -5.93 21.24
C ALA C 54 -0.63 -6.39 19.87
N TRP C 55 -0.98 -7.68 19.76
CA TRP C 55 -1.50 -8.19 18.49
C TRP C 55 -2.82 -7.52 18.13
N ALA C 56 -3.64 -7.17 19.13
CA ALA C 56 -4.86 -6.42 18.87
C ALA C 56 -4.55 -4.97 18.51
N LEU C 57 -3.46 -4.42 19.06
CA LEU C 57 -3.04 -3.08 18.69
C LEU C 57 -2.38 -3.05 17.31
N PHE C 58 -1.63 -4.11 16.98
CA PHE C 58 -0.92 -4.16 15.72
C PHE C 58 -1.89 -4.17 14.53
N LYS C 59 -2.76 -5.18 14.49
CA LYS C 59 -3.69 -5.34 13.38
C LYS C 59 -4.88 -4.38 13.46
N GLY C 60 -4.82 -3.37 14.32
CA GLY C 60 -5.87 -2.37 14.40
C GLY C 60 -7.21 -2.91 14.86
N LYS C 61 -7.19 -3.73 15.91
CA LYS C 61 -8.41 -4.28 16.49
C LYS C 61 -8.85 -3.56 17.75
N PHE C 62 -7.91 -3.23 18.64
CA PHE C 62 -8.19 -2.44 19.83
C PHE C 62 -7.56 -1.07 19.67
N ARG C 63 -8.37 -0.03 19.88
CA ARG C 63 -7.91 1.36 19.83
C ARG C 63 -7.97 1.95 21.22
N GLU C 64 -6.88 2.58 21.64
CA GLU C 64 -6.77 3.09 23.00
C GLU C 64 -7.77 4.22 23.24
N GLY C 65 -8.41 4.18 24.40
CA GLY C 65 -9.35 5.21 24.78
C GLY C 65 -10.56 5.32 23.89
N ILE C 66 -10.88 4.27 23.13
CA ILE C 66 -12.01 4.29 22.22
C ILE C 66 -12.88 3.07 22.45
N ASP C 67 -12.25 1.91 22.56
CA ASP C 67 -12.93 0.64 22.76
C ASP C 67 -12.73 0.14 24.19
N LYS C 68 -13.66 -0.71 24.63
CA LYS C 68 -13.54 -1.31 25.95
C LYS C 68 -12.56 -2.48 25.91
N PRO C 69 -11.55 -2.48 26.77
CA PRO C 69 -10.58 -3.59 26.75
C PRO C 69 -11.26 -4.93 27.05
N ASP C 70 -10.70 -5.99 26.48
CA ASP C 70 -11.23 -7.33 26.67
C ASP C 70 -10.12 -8.36 26.41
N PRO C 71 -9.32 -8.68 27.43
CA PRO C 71 -8.18 -9.60 27.24
C PRO C 71 -8.62 -10.99 26.77
N PRO C 72 -9.77 -11.52 27.22
CA PRO C 72 -10.22 -12.80 26.65
C PRO C 72 -10.26 -12.85 25.13
N THR C 73 -10.89 -11.85 24.49
CA THR C 73 -10.92 -11.83 23.03
C THR C 73 -9.52 -11.69 22.45
N TRP C 74 -8.66 -10.92 23.11
CA TRP C 74 -7.28 -10.78 22.65
C TRP C 74 -6.52 -12.10 22.78
N LYS C 75 -6.83 -12.88 23.82
CA LYS C 75 -6.19 -14.18 23.99
C LYS C 75 -6.70 -15.19 22.96
N ARG C 76 -8.00 -15.10 22.63
CA ARG C 76 -8.57 -16.04 21.67
C ARG C 76 -8.08 -15.77 20.26
N ARG C 77 -7.91 -14.49 19.91
CA ARG C 77 -7.51 -14.14 18.55
C ARG C 77 -6.11 -14.64 18.23
N LEU C 78 -5.20 -14.59 19.21
CA LEU C 78 -3.82 -15.01 18.96
C LEU C 78 -3.72 -16.52 18.86
N ARG C 79 -4.52 -17.25 19.64
CA ARG C 79 -4.49 -18.71 19.57
C ARG C 79 -5.00 -19.20 18.22
N CYS C 80 -6.14 -18.67 17.77
CA CYS C 80 -6.67 -19.05 16.47
C CYS C 80 -5.70 -18.68 15.35
N ALA C 81 -5.02 -17.53 15.48
CA ALA C 81 -4.04 -17.13 14.48
C ALA C 81 -2.88 -18.12 14.43
N LEU C 82 -2.33 -18.47 15.60
CA LEU C 82 -1.22 -19.41 15.64
C LEU C 82 -1.64 -20.79 15.16
N ASN C 83 -2.86 -21.22 15.53
CA ASN C 83 -3.33 -22.53 15.12
C ASN C 83 -3.61 -22.58 13.63
N LYS C 84 -4.25 -21.54 13.09
CA LYS C 84 -4.62 -21.54 11.68
C LYS C 84 -3.38 -21.35 10.79
N SER C 85 -2.42 -20.55 11.24
CA SER C 85 -1.24 -20.27 10.43
C SER C 85 -0.40 -21.53 10.25
N ASN C 86 0.00 -21.80 9.01
CA ASN C 86 0.90 -22.91 8.69
C ASN C 86 2.34 -22.63 9.09
N ASP C 87 2.58 -21.52 9.78
CA ASP C 87 3.93 -21.14 10.19
C ASP C 87 4.32 -21.71 11.54
N PHE C 88 3.38 -21.85 12.46
CA PHE C 88 3.66 -22.26 13.83
C PHE C 88 2.92 -23.56 14.13
N GLU C 89 3.67 -24.59 14.52
CA GLU C 89 3.12 -25.86 14.97
C GLU C 89 3.43 -26.01 16.46
N GLU C 90 2.38 -26.12 17.27
CA GLU C 90 2.55 -26.20 18.72
C GLU C 90 2.99 -27.60 19.14
N LEU C 91 3.97 -27.66 20.04
CA LEU C 91 4.39 -28.91 20.65
C LEU C 91 3.58 -29.11 21.91
N VAL C 92 2.41 -29.76 21.76
CA VAL C 92 1.47 -29.87 22.86
C VAL C 92 2.00 -30.77 23.96
N GLU C 93 2.78 -31.81 23.60
CA GLU C 93 3.32 -32.70 24.61
C GLU C 93 4.40 -32.05 25.46
N ARG C 94 5.04 -30.99 24.94
CA ARG C 94 6.03 -30.24 25.70
C ARG C 94 5.45 -29.04 26.42
N SER C 95 4.18 -28.74 26.20
CA SER C 95 3.54 -27.58 26.81
C SER C 95 3.37 -27.82 28.31
N GLN C 96 4.17 -27.11 29.11
CA GLN C 96 4.10 -27.20 30.57
C GLN C 96 3.11 -26.16 31.08
N LEU C 97 1.83 -26.52 31.06
CA LEU C 97 0.74 -25.61 31.38
C LEU C 97 0.19 -25.81 32.79
N ASP C 98 1.03 -26.25 33.73
CA ASP C 98 0.58 -26.50 35.09
C ASP C 98 1.73 -26.27 36.08
N ILE C 99 2.29 -25.05 36.05
CA ILE C 99 3.36 -24.65 36.96
C ILE C 99 3.11 -23.19 37.33
N SER C 100 3.93 -22.69 38.27
CA SER C 100 3.87 -21.32 38.77
C SER C 100 3.68 -20.31 37.65
N ASP C 101 4.43 -20.47 36.57
CA ASP C 101 4.28 -19.63 35.38
C ASP C 101 4.09 -20.56 34.18
N PRO C 102 2.83 -20.87 33.84
CA PRO C 102 2.58 -21.82 32.75
C PRO C 102 3.01 -21.26 31.40
N TYR C 103 3.33 -22.16 30.48
CA TYR C 103 3.81 -21.77 29.17
C TYR C 103 3.59 -22.90 28.18
N LYS C 104 3.49 -22.54 26.91
CA LYS C 104 3.42 -23.49 25.81
C LYS C 104 4.71 -23.44 25.00
N VAL C 105 4.86 -24.45 24.14
CA VAL C 105 6.03 -24.58 23.27
C VAL C 105 5.53 -24.66 21.83
N TYR C 106 6.12 -23.84 20.96
CA TYR C 106 5.77 -23.82 19.54
C TYR C 106 7.02 -24.08 18.71
N ARG C 107 6.80 -24.22 17.40
CA ARG C 107 7.87 -24.50 16.46
C ARG C 107 7.54 -23.84 15.14
N ILE C 108 8.57 -23.32 14.46
CA ILE C 108 8.42 -22.66 13.17
C ILE C 108 9.11 -23.50 12.10
N VAL C 109 8.43 -23.65 10.96
CA VAL C 109 8.95 -24.42 9.83
C VAL C 109 9.16 -23.48 8.65
N PRO C 110 9.90 -23.90 7.61
CA PRO C 110 10.04 -23.13 6.36
C PRO C 110 8.69 -22.68 5.79
N GLY D 3 -21.56 -10.97 -18.17
CA GLY D 3 -22.08 -10.80 -16.82
C GLY D 3 -23.53 -11.21 -16.69
N LYS D 4 -23.80 -12.15 -15.79
CA LYS D 4 -25.15 -12.65 -15.58
C LYS D 4 -25.68 -12.38 -14.18
N LEU D 5 -24.90 -11.76 -13.29
CA LEU D 5 -25.33 -11.57 -11.92
C LEU D 5 -26.49 -10.58 -11.81
N ARG D 6 -26.45 -9.52 -12.62
CA ARG D 6 -27.46 -8.47 -12.51
C ARG D 6 -28.85 -9.00 -12.84
N GLN D 7 -29.05 -9.48 -14.06
CA GLN D 7 -30.37 -9.94 -14.49
C GLN D 7 -30.83 -11.14 -13.66
N TRP D 8 -29.90 -12.01 -13.25
CA TRP D 8 -30.28 -13.18 -12.47
C TRP D 8 -30.90 -12.78 -11.14
N LEU D 9 -30.19 -11.93 -10.38
CA LEU D 9 -30.69 -11.51 -9.07
C LEU D 9 -32.02 -10.76 -9.20
N ILE D 10 -32.14 -9.89 -10.20
CA ILE D 10 -33.38 -9.16 -10.40
C ILE D 10 -34.54 -10.12 -10.63
N ASP D 11 -34.28 -11.23 -11.32
CA ASP D 11 -35.32 -12.23 -11.52
C ASP D 11 -35.60 -13.02 -10.24
N GLN D 12 -34.61 -13.14 -9.35
CA GLN D 12 -34.83 -13.85 -8.10
C GLN D 12 -35.71 -13.05 -7.16
N ILE D 13 -35.44 -11.75 -7.02
CA ILE D 13 -36.23 -10.91 -6.13
C ILE D 13 -37.64 -10.74 -6.69
N ASP D 14 -37.77 -10.50 -7.99
CA ASP D 14 -39.08 -10.31 -8.60
C ASP D 14 -39.90 -11.59 -8.54
N SER D 15 -39.25 -12.76 -8.52
CA SER D 15 -39.98 -14.00 -8.42
C SER D 15 -40.69 -14.15 -7.08
N GLY D 16 -40.14 -13.55 -6.02
CA GLY D 16 -40.70 -13.70 -4.69
C GLY D 16 -40.70 -15.11 -4.15
N LYS D 17 -39.95 -16.04 -4.77
CA LYS D 17 -39.93 -17.43 -4.32
C LYS D 17 -39.13 -17.63 -3.05
N TYR D 18 -38.25 -16.70 -2.70
CA TYR D 18 -37.40 -16.81 -1.52
C TYR D 18 -37.88 -15.84 -0.46
N PRO D 19 -38.21 -16.32 0.75
CA PRO D 19 -38.68 -15.40 1.79
C PRO D 19 -37.61 -14.40 2.17
N GLY D 20 -38.04 -13.17 2.48
CA GLY D 20 -37.15 -12.09 2.82
C GLY D 20 -36.58 -11.33 1.64
N LEU D 21 -36.53 -11.94 0.47
CA LEU D 21 -36.03 -11.29 -0.75
C LEU D 21 -37.14 -10.41 -1.30
N VAL D 22 -37.17 -9.15 -0.85
CA VAL D 22 -38.18 -8.19 -1.26
C VAL D 22 -37.50 -6.88 -1.60
N TRP D 23 -38.28 -5.94 -2.13
CA TRP D 23 -37.81 -4.62 -2.49
C TRP D 23 -38.11 -3.63 -1.37
N GLU D 24 -37.80 -2.36 -1.63
CA GLU D 24 -38.13 -1.29 -0.69
C GLU D 24 -38.73 -0.06 -1.36
N ASN D 25 -38.90 -0.07 -2.68
CA ASN D 25 -39.53 1.03 -3.39
C ASN D 25 -40.24 0.46 -4.61
N GLU D 26 -40.94 1.33 -5.33
CA GLU D 26 -41.66 0.91 -6.53
C GLU D 26 -40.78 0.91 -7.77
N GLU D 27 -39.67 1.66 -7.76
CA GLU D 27 -38.73 1.62 -8.87
C GLU D 27 -37.88 0.36 -8.89
N LYS D 28 -38.00 -0.50 -7.87
CA LYS D 28 -37.26 -1.75 -7.78
C LYS D 28 -35.76 -1.51 -7.84
N SER D 29 -35.30 -0.48 -7.15
CA SER D 29 -33.89 -0.10 -7.15
C SER D 29 -33.21 -0.30 -5.80
N ILE D 30 -33.96 -0.69 -4.77
CA ILE D 30 -33.39 -0.97 -3.46
C ILE D 30 -34.13 -2.16 -2.88
N PHE D 31 -33.40 -3.20 -2.49
CA PHE D 31 -34.00 -4.45 -2.05
C PHE D 31 -33.25 -5.00 -0.85
N ARG D 32 -33.98 -5.76 -0.03
CA ARG D 32 -33.40 -6.48 1.10
C ARG D 32 -33.05 -7.90 0.68
N ILE D 33 -31.88 -8.36 1.11
CA ILE D 33 -31.41 -9.71 0.84
C ILE D 33 -31.27 -10.44 2.17
N PRO D 34 -31.87 -11.62 2.34
CA PRO D 34 -31.77 -12.33 3.62
C PRO D 34 -30.36 -12.89 3.83
N TRP D 35 -29.70 -12.40 4.87
CA TRP D 35 -28.35 -12.84 5.23
C TRP D 35 -28.34 -13.31 6.67
N LYS D 36 -28.28 -14.62 6.87
CA LYS D 36 -28.16 -15.22 8.18
C LYS D 36 -26.78 -15.85 8.34
N HIS D 37 -26.47 -16.23 9.58
CA HIS D 37 -25.23 -16.93 9.90
C HIS D 37 -25.53 -18.40 10.08
N ALA D 38 -24.78 -19.26 9.39
CA ALA D 38 -25.04 -20.70 9.46
C ALA D 38 -24.79 -21.26 10.85
N LYS D 40 -26.48 -21.76 13.80
CA LYS D 40 -27.00 -20.90 14.85
C LYS D 40 -28.48 -20.61 14.65
N GLN D 41 -29.16 -20.23 15.74
CA GLN D 41 -30.57 -19.83 15.73
C GLN D 41 -31.39 -20.91 15.03
N ASP D 42 -32.31 -20.56 14.14
CA ASP D 42 -33.14 -21.50 13.42
C ASP D 42 -32.65 -21.71 11.99
N TYR D 43 -31.35 -21.57 11.76
CA TYR D 43 -30.78 -21.74 10.42
C TYR D 43 -31.11 -23.11 9.86
N ASN D 44 -31.77 -23.12 8.71
CA ASN D 44 -32.06 -24.34 7.97
C ASN D 44 -31.46 -24.24 6.58
N ARG D 45 -30.86 -25.33 6.12
CA ARG D 45 -30.22 -25.32 4.80
C ARG D 45 -31.22 -25.11 3.68
N GLU D 46 -32.51 -25.33 3.94
CA GLU D 46 -33.51 -25.23 2.87
C GLU D 46 -33.94 -23.78 2.65
N GLU D 47 -34.71 -23.22 3.58
CA GLU D 47 -35.30 -21.90 3.36
C GLU D 47 -34.26 -20.79 3.49
N ASP D 48 -33.34 -20.93 4.45
CA ASP D 48 -32.37 -19.86 4.69
C ASP D 48 -31.29 -19.83 3.62
N ALA D 49 -30.86 -20.99 3.13
CA ALA D 49 -29.79 -21.05 2.14
C ALA D 49 -30.28 -21.62 0.82
N ALA D 50 -31.38 -21.08 0.30
CA ALA D 50 -31.91 -21.52 -0.99
C ALA D 50 -31.31 -20.75 -2.16
N LEU D 51 -31.28 -19.42 -2.05
CA LEU D 51 -30.75 -18.59 -3.12
C LEU D 51 -29.28 -18.90 -3.39
N PHE D 52 -28.53 -19.28 -2.35
CA PHE D 52 -27.12 -19.60 -2.51
C PHE D 52 -26.94 -20.85 -3.35
N LYS D 53 -27.83 -21.84 -3.17
CA LYS D 53 -27.78 -23.04 -3.99
C LYS D 53 -28.14 -22.75 -5.45
N ALA D 54 -29.04 -21.80 -5.67
CA ALA D 54 -29.48 -21.50 -7.03
C ALA D 54 -28.34 -20.94 -7.88
N TRP D 55 -27.51 -20.08 -7.30
CA TRP D 55 -26.38 -19.52 -8.05
C TRP D 55 -25.38 -20.59 -8.42
N ALA D 56 -25.15 -21.55 -7.52
CA ALA D 56 -24.24 -22.65 -7.84
C ALA D 56 -24.81 -23.53 -8.94
N LEU D 57 -26.12 -23.81 -8.90
CA LEU D 57 -26.75 -24.58 -9.96
C LEU D 57 -26.82 -23.80 -11.27
N PHE D 58 -27.14 -22.51 -11.18
CA PHE D 58 -27.27 -21.69 -12.39
C PHE D 58 -25.95 -21.64 -13.16
N LYS D 59 -24.85 -21.42 -12.45
CA LYS D 59 -23.53 -21.41 -13.08
C LYS D 59 -22.87 -22.78 -13.07
N GLY D 60 -23.65 -23.85 -12.90
CA GLY D 60 -23.13 -25.19 -13.02
C GLY D 60 -22.05 -25.55 -12.03
N LYS D 61 -22.02 -24.88 -10.87
CA LYS D 61 -21.01 -25.15 -9.87
C LYS D 61 -21.40 -26.28 -8.93
N PHE D 62 -22.63 -26.78 -9.01
CA PHE D 62 -23.08 -27.87 -8.16
C PHE D 62 -24.07 -28.71 -8.95
N ARG D 63 -23.74 -29.99 -9.15
CA ARG D 63 -24.64 -30.94 -9.79
C ARG D 63 -25.37 -31.74 -8.72
N GLU D 64 -26.70 -31.74 -8.78
CA GLU D 64 -27.50 -32.42 -7.78
C GLU D 64 -27.23 -33.92 -7.81
N GLY D 65 -26.78 -34.45 -6.67
CA GLY D 65 -26.49 -35.86 -6.55
C GLY D 65 -25.07 -36.26 -6.89
N ILE D 66 -24.21 -35.31 -7.24
CA ILE D 66 -22.82 -35.62 -7.58
C ILE D 66 -21.89 -34.90 -6.61
N ASP D 67 -21.94 -33.57 -6.61
CA ASP D 67 -21.10 -32.79 -5.71
C ASP D 67 -21.69 -32.79 -4.31
N LYS D 68 -20.82 -32.70 -3.32
CA LYS D 68 -21.26 -32.68 -1.93
C LYS D 68 -21.84 -31.31 -1.60
N PRO D 69 -23.01 -31.24 -0.96
CA PRO D 69 -23.58 -29.93 -0.60
C PRO D 69 -22.66 -29.18 0.35
N ASP D 70 -22.34 -27.94 -0.02
CA ASP D 70 -21.41 -27.11 0.75
C ASP D 70 -22.00 -25.71 0.81
N PRO D 71 -22.93 -25.47 1.73
CA PRO D 71 -23.56 -24.16 1.85
C PRO D 71 -22.57 -23.03 2.15
N PRO D 72 -21.50 -23.27 2.96
CA PRO D 72 -20.49 -22.20 3.15
C PRO D 72 -19.96 -21.60 1.86
N THR D 73 -19.39 -22.44 0.98
CA THR D 73 -18.81 -21.90 -0.25
C THR D 73 -19.88 -21.37 -1.20
N TRP D 74 -21.11 -21.91 -1.11
CA TRP D 74 -22.19 -21.39 -1.93
C TRP D 74 -22.50 -19.94 -1.55
N LYS D 75 -22.58 -19.66 -0.25
CA LYS D 75 -22.77 -18.28 0.20
C LYS D 75 -21.52 -17.44 -0.02
N ARG D 76 -20.34 -18.07 0.05
CA ARG D 76 -19.10 -17.33 -0.18
C ARG D 76 -18.99 -16.88 -1.63
N ARG D 77 -19.36 -17.75 -2.57
CA ARG D 77 -19.31 -17.37 -3.98
C ARG D 77 -20.26 -16.22 -4.28
N LEU D 78 -21.51 -16.33 -3.80
CA LEU D 78 -22.48 -15.27 -4.05
C LEU D 78 -22.06 -13.98 -3.38
N ARG D 79 -21.46 -14.06 -2.18
CA ARG D 79 -20.98 -12.86 -1.51
C ARG D 79 -19.84 -12.22 -2.28
N CYS D 80 -18.83 -13.00 -2.64
CA CYS D 80 -17.67 -12.45 -3.33
C CYS D 80 -18.06 -11.82 -4.66
N ALA D 81 -19.03 -12.43 -5.35
CA ALA D 81 -19.49 -11.86 -6.61
C ALA D 81 -20.38 -10.64 -6.38
N LEU D 82 -21.22 -10.68 -5.35
CA LEU D 82 -22.12 -9.56 -5.08
C LEU D 82 -21.34 -8.33 -4.63
N ASN D 83 -20.33 -8.52 -3.78
CA ASN D 83 -19.55 -7.39 -3.29
C ASN D 83 -18.73 -6.76 -4.40
N LYS D 84 -18.05 -7.58 -5.19
CA LYS D 84 -17.18 -7.09 -6.26
C LYS D 84 -17.94 -6.64 -7.50
N SER D 85 -19.27 -6.79 -7.51
CA SER D 85 -20.06 -6.37 -8.65
C SER D 85 -20.27 -4.86 -8.62
N ASN D 86 -20.07 -4.21 -9.76
CA ASN D 86 -20.29 -2.77 -9.88
C ASN D 86 -21.75 -2.42 -10.18
N ASP D 87 -22.61 -3.42 -10.37
CA ASP D 87 -24.04 -3.20 -10.56
C ASP D 87 -24.82 -3.26 -9.26
N PHE D 88 -24.14 -3.32 -8.13
CA PHE D 88 -24.79 -3.54 -6.83
C PHE D 88 -24.04 -2.76 -5.76
N GLU D 89 -24.75 -1.86 -5.09
CA GLU D 89 -24.20 -1.06 -4.01
C GLU D 89 -24.72 -1.56 -2.67
N GLU D 90 -23.79 -1.85 -1.76
CA GLU D 90 -24.15 -2.32 -0.42
C GLU D 90 -24.32 -1.11 0.48
N LEU D 91 -25.57 -0.85 0.91
CA LEU D 91 -25.88 0.24 1.82
C LEU D 91 -25.66 -0.25 3.24
N VAL D 92 -24.45 0.00 3.76
CA VAL D 92 -24.09 -0.50 5.08
C VAL D 92 -24.80 0.23 6.21
N GLU D 93 -25.43 1.37 5.93
CA GLU D 93 -26.10 2.12 6.99
C GLU D 93 -27.48 1.56 7.32
N ARG D 94 -28.16 0.97 6.33
CA ARG D 94 -29.46 0.36 6.54
C ARG D 94 -29.35 -1.16 6.70
N SER D 95 -28.13 -1.69 6.75
CA SER D 95 -27.90 -3.13 6.88
C SER D 95 -28.24 -3.56 8.30
N GLN D 96 -29.42 -4.13 8.48
CA GLN D 96 -29.89 -4.58 9.79
C GLN D 96 -29.28 -5.94 10.09
N LEU D 97 -28.12 -5.93 10.73
CA LEU D 97 -27.42 -7.16 11.10
C LEU D 97 -27.71 -7.58 12.55
N ASP D 98 -28.46 -6.79 13.30
CA ASP D 98 -28.69 -7.07 14.71
C ASP D 98 -30.17 -7.32 14.99
N ILE D 99 -30.80 -8.15 14.15
CA ILE D 99 -32.21 -8.49 14.30
C ILE D 99 -32.36 -10.02 14.21
N SER D 100 -33.60 -10.49 14.36
CA SER D 100 -33.86 -11.92 14.33
C SER D 100 -33.51 -12.53 12.99
N ASP D 101 -33.95 -11.91 11.90
CA ASP D 101 -33.66 -12.35 10.54
C ASP D 101 -32.88 -11.24 9.84
N PRO D 102 -31.57 -11.13 10.11
CA PRO D 102 -30.81 -10.00 9.57
C PRO D 102 -30.84 -9.97 8.05
N TYR D 103 -30.96 -8.77 7.50
CA TYR D 103 -30.97 -8.55 6.06
C TYR D 103 -29.94 -7.49 5.69
N LYS D 104 -29.66 -7.39 4.41
CA LYS D 104 -28.76 -6.37 3.88
C LYS D 104 -29.45 -5.60 2.77
N VAL D 105 -29.11 -4.33 2.65
CA VAL D 105 -29.74 -3.44 1.67
C VAL D 105 -28.79 -3.25 0.50
N TYR D 106 -29.29 -3.51 -0.70
CA TYR D 106 -28.52 -3.36 -1.93
C TYR D 106 -29.29 -2.48 -2.90
N ARG D 107 -28.56 -1.63 -3.62
CA ARG D 107 -29.12 -0.73 -4.62
C ARG D 107 -28.59 -1.10 -5.99
N ILE D 108 -29.49 -1.15 -6.97
CA ILE D 108 -29.12 -1.47 -8.34
C ILE D 108 -28.84 -0.17 -9.08
N VAL D 109 -27.57 0.09 -9.38
CA VAL D 109 -27.20 1.31 -10.07
C VAL D 109 -27.55 1.18 -11.55
N PRO D 110 -28.18 2.19 -12.15
CA PRO D 110 -28.54 2.10 -13.57
C PRO D 110 -27.36 2.38 -14.48
N GLU D 111 -27.38 1.73 -15.64
CA GLU D 111 -26.33 1.89 -16.63
C GLU D 111 -26.81 1.46 -18.02
N ASN G 2 0.01 12.90 -16.67
CA ASN G 2 -0.39 14.32 -16.66
C ASN G 2 -1.69 14.53 -15.90
N GLY G 3 -1.60 14.45 -14.57
CA GLY G 3 -2.77 14.59 -13.73
C GLY G 3 -3.07 13.34 -12.93
N LYS G 4 -2.05 12.50 -12.74
CA LYS G 4 -2.25 11.25 -12.02
C LYS G 4 -2.43 11.49 -10.53
N LEU G 5 -1.66 12.42 -9.95
CA LEU G 5 -1.62 12.57 -8.50
C LEU G 5 -2.98 12.97 -7.93
N ARG G 6 -3.68 13.89 -8.62
CA ARG G 6 -4.91 14.43 -8.06
C ARG G 6 -5.99 13.35 -7.98
N GLN G 7 -6.32 12.73 -9.12
CA GLN G 7 -7.38 11.72 -9.12
C GLN G 7 -6.98 10.48 -8.31
N TRP G 8 -5.70 10.15 -8.29
CA TRP G 8 -5.23 9.03 -7.47
C TRP G 8 -5.48 9.31 -5.99
N LEU G 9 -5.07 10.49 -5.51
CA LEU G 9 -5.23 10.81 -4.10
C LEU G 9 -6.69 10.86 -3.70
N ILE G 10 -7.55 11.42 -4.56
CA ILE G 10 -8.98 11.45 -4.28
C ILE G 10 -9.53 10.03 -4.14
N ASP G 11 -9.04 9.11 -4.96
CA ASP G 11 -9.52 7.73 -4.90
C ASP G 11 -9.13 7.05 -3.59
N GLN G 12 -7.95 7.37 -3.06
CA GLN G 12 -7.52 6.75 -1.81
C GLN G 12 -8.34 7.24 -0.63
N ILE G 13 -8.71 8.53 -0.62
CA ILE G 13 -9.51 9.05 0.48
C ILE G 13 -10.93 8.51 0.43
N ASP G 14 -11.47 8.34 -0.78
CA ASP G 14 -12.82 7.83 -0.92
C ASP G 14 -12.90 6.35 -0.61
N SER G 15 -11.81 5.60 -0.87
CA SER G 15 -11.83 4.16 -0.69
C SER G 15 -11.97 3.74 0.77
N GLY G 16 -11.56 4.59 1.71
CA GLY G 16 -11.71 4.27 3.12
C GLY G 16 -10.75 3.19 3.57
N LYS G 17 -9.87 2.76 2.66
CA LYS G 17 -8.89 1.74 3.00
C LYS G 17 -7.92 2.22 4.06
N TYR G 18 -7.50 3.48 3.97
CA TYR G 18 -6.46 4.00 4.83
C TYR G 18 -7.07 4.61 6.09
N PRO G 19 -6.77 4.07 7.28
CA PRO G 19 -7.27 4.70 8.51
C PRO G 19 -6.69 6.09 8.73
N GLY G 20 -7.50 7.12 8.49
CA GLY G 20 -7.04 8.48 8.64
C GLY G 20 -7.45 9.36 7.48
N LEU G 21 -7.54 8.77 6.29
CA LEU G 21 -7.98 9.50 5.11
C LEU G 21 -9.47 9.80 5.22
N VAL G 22 -9.81 11.05 5.50
CA VAL G 22 -11.19 11.45 5.70
C VAL G 22 -11.35 12.91 5.29
N TRP G 23 -12.43 13.21 4.58
CA TRP G 23 -12.75 14.59 4.24
C TRP G 23 -13.40 15.28 5.43
N GLU G 24 -12.93 16.49 5.74
CA GLU G 24 -13.53 17.24 6.84
C GLU G 24 -14.89 17.80 6.45
N ASN G 25 -15.04 18.23 5.21
CA ASN G 25 -16.28 18.79 4.71
C ASN G 25 -16.89 17.86 3.67
N GLU G 26 -18.15 18.14 3.32
CA GLU G 26 -18.85 17.34 2.33
C GLU G 26 -18.53 17.74 0.90
N GLU G 27 -18.00 18.94 0.68
CA GLU G 27 -17.59 19.36 -0.65
C GLU G 27 -16.39 18.58 -1.17
N LYS G 28 -15.76 17.76 -0.32
CA LYS G 28 -14.59 16.96 -0.69
C LYS G 28 -13.47 17.85 -1.23
N SER G 29 -13.30 19.02 -0.61
CA SER G 29 -12.23 19.94 -0.97
C SER G 29 -11.15 20.05 0.09
N ILE G 30 -11.41 19.61 1.32
CA ILE G 30 -10.44 19.61 2.40
C ILE G 30 -10.49 18.24 3.08
N PHE G 31 -9.32 17.65 3.31
CA PHE G 31 -9.24 16.31 3.86
C PHE G 31 -8.07 16.22 4.83
N ARG G 32 -7.94 15.05 5.47
CA ARG G 32 -6.84 14.74 6.37
C ARG G 32 -5.90 13.72 5.74
N ILE G 33 -4.66 13.74 6.21
CA ILE G 33 -3.63 12.79 5.78
C ILE G 33 -2.72 12.48 6.97
N PRO G 34 -2.70 11.23 7.44
CA PRO G 34 -1.87 10.88 8.59
C PRO G 34 -0.40 11.20 8.35
N TRP G 35 0.17 11.99 9.26
CA TRP G 35 1.58 12.40 9.19
C TRP G 35 2.21 12.21 10.56
N LYS G 36 2.61 10.98 10.86
CA LYS G 36 3.24 10.63 12.13
C LYS G 36 4.72 10.35 11.90
N HIS G 37 5.56 10.96 12.75
CA HIS G 37 7.00 10.81 12.62
C HIS G 37 7.38 9.33 12.75
N ALA G 38 8.35 8.92 11.94
CA ALA G 38 8.79 7.53 11.90
C ALA G 38 9.75 7.17 13.02
N GLY G 39 9.91 8.03 14.03
CA GLY G 39 10.86 7.78 15.08
C GLY G 39 10.24 7.43 16.42
N LYS G 40 9.05 7.95 16.69
CA LYS G 40 8.41 7.74 17.98
C LYS G 40 7.97 6.28 18.14
N GLN G 41 7.71 5.90 19.39
CA GLN G 41 7.33 4.51 19.68
C GLN G 41 5.98 4.18 19.07
N ASP G 42 5.03 5.12 19.10
CA ASP G 42 3.69 4.89 18.60
C ASP G 42 3.66 4.65 17.09
N TYR G 43 4.79 4.81 16.41
CA TYR G 43 4.84 4.63 14.96
C TYR G 43 4.69 3.15 14.60
N ASN G 44 3.68 2.85 13.79
CA ASN G 44 3.46 1.51 13.25
C ASN G 44 3.67 1.58 11.75
N ARG G 45 4.77 0.99 11.27
CA ARG G 45 5.22 1.20 9.89
C ARG G 45 4.14 0.81 8.89
N GLU G 46 3.58 -0.39 9.02
CA GLU G 46 2.61 -0.86 8.04
C GLU G 46 1.31 -0.07 8.12
N GLU G 47 0.83 0.21 9.33
CA GLU G 47 -0.46 0.88 9.48
C GLU G 47 -0.37 2.37 9.18
N ASP G 48 0.79 3.01 9.44
CA ASP G 48 0.93 4.44 9.23
C ASP G 48 1.50 4.76 7.85
N ALA G 49 2.70 4.28 7.56
CA ALA G 49 3.36 4.58 6.29
C ALA G 49 2.80 3.74 5.15
N ALA G 50 1.47 3.67 5.04
CA ALA G 50 0.81 2.87 4.02
C ALA G 50 0.59 3.64 2.74
N LEU G 51 0.03 4.85 2.83
CA LEU G 51 -0.22 5.65 1.64
C LEU G 51 1.07 5.98 0.90
N PHE G 52 2.16 6.16 1.64
CA PHE G 52 3.44 6.46 1.01
C PHE G 52 3.94 5.27 0.20
N LYS G 53 3.80 4.05 0.74
CA LYS G 53 4.21 2.87 -0.01
C LYS G 53 3.29 2.62 -1.20
N ALA G 54 2.03 3.05 -1.12
CA ALA G 54 1.11 2.83 -2.23
C ALA G 54 1.47 3.71 -3.41
N TRP G 55 1.78 4.99 -3.17
CA TRP G 55 2.21 5.87 -4.25
C TRP G 55 3.52 5.41 -4.86
N ALA G 56 4.43 4.87 -4.03
CA ALA G 56 5.68 4.35 -4.56
C ALA G 56 5.45 3.14 -5.46
N LEU G 57 4.45 2.32 -5.13
CA LEU G 57 4.10 1.19 -6.00
C LEU G 57 3.34 1.66 -7.22
N PHE G 58 2.42 2.62 -7.05
CA PHE G 58 1.62 3.11 -8.18
C PHE G 58 2.51 3.70 -9.26
N LYS G 59 3.46 4.56 -8.87
CA LYS G 59 4.41 5.11 -9.82
C LYS G 59 5.51 4.13 -10.21
N GLY G 60 5.58 2.97 -9.56
CA GLY G 60 6.57 1.99 -9.89
C GLY G 60 7.95 2.27 -9.35
N LYS G 61 8.06 3.05 -8.27
CA LYS G 61 9.35 3.37 -7.68
C LYS G 61 9.73 2.35 -6.61
N ASP G 70 11.82 1.53 2.03
CA ASP G 70 12.33 2.82 2.46
C ASP G 70 11.20 3.78 2.77
N PRO G 71 10.62 3.66 3.96
CA PRO G 71 9.48 4.52 4.34
C PRO G 71 9.82 6.00 4.31
N PRO G 72 10.98 6.44 4.80
CA PRO G 72 11.27 7.88 4.75
C PRO G 72 11.28 8.45 3.34
N THR G 73 11.88 7.74 2.37
CA THR G 73 11.91 8.23 1.00
C THR G 73 10.51 8.28 0.41
N TRP G 74 9.66 7.30 0.75
CA TRP G 74 8.28 7.30 0.27
C TRP G 74 7.51 8.50 0.80
N LYS G 75 7.81 8.95 2.02
CA LYS G 75 7.17 10.12 2.59
C LYS G 75 7.73 11.40 1.97
N ARG G 77 8.75 11.53 -1.12
CA ARG G 77 8.28 11.64 -2.49
C ARG G 77 6.88 12.25 -2.55
N LEU G 78 6.00 11.76 -1.68
CA LEU G 78 4.62 12.25 -1.68
C LEU G 78 4.55 13.70 -1.21
N ARG G 79 5.39 14.06 -0.24
CA ARG G 79 5.42 15.45 0.21
C ARG G 79 5.95 16.37 -0.89
N CYS G 80 7.02 15.96 -1.58
CA CYS G 80 7.52 16.74 -2.70
C CYS G 80 6.49 16.85 -3.81
N ALA G 81 5.68 15.81 -4.00
CA ALA G 81 4.68 15.84 -5.06
C ALA G 81 3.53 16.79 -4.71
N LEU G 82 3.06 16.74 -3.47
CA LEU G 82 1.94 17.60 -3.07
C LEU G 82 2.32 19.07 -3.09
N ASN G 83 3.57 19.38 -2.71
CA ASN G 83 4.01 20.77 -2.71
C ASN G 83 4.18 21.30 -4.13
N LYS G 84 4.83 20.51 -4.99
CA LYS G 84 5.04 20.93 -6.37
C LYS G 84 3.73 21.01 -7.13
N SER G 85 2.80 20.09 -6.85
CA SER G 85 1.52 20.09 -7.55
C SER G 85 0.71 21.32 -7.19
N ASN G 86 0.21 22.02 -8.21
CA ASN G 86 -0.66 23.15 -8.00
C ASN G 86 -2.06 22.74 -7.56
N ASP G 87 -2.41 21.46 -7.71
CA ASP G 87 -3.75 20.98 -7.36
C ASP G 87 -3.96 20.88 -5.86
N PHE G 88 -2.91 20.96 -5.05
CA PHE G 88 -3.00 20.76 -3.61
C PHE G 88 -2.35 21.92 -2.87
N GLU G 89 -3.05 22.44 -1.86
CA GLU G 89 -2.52 23.46 -0.97
C GLU G 89 -2.78 23.03 0.45
N GLU G 90 -1.72 23.01 1.27
CA GLU G 90 -1.84 22.55 2.65
C GLU G 90 -2.35 23.67 3.55
N LEU G 91 -3.43 23.40 4.28
CA LEU G 91 -3.89 24.27 5.36
C LEU G 91 -2.97 24.02 6.56
N VAL G 92 -1.81 24.68 6.52
CA VAL G 92 -0.71 24.30 7.42
C VAL G 92 -1.05 24.63 8.87
N GLU G 93 -1.64 25.81 9.12
CA GLU G 93 -1.98 26.16 10.49
C GLU G 93 -3.10 25.27 11.02
N ARG G 94 -3.99 24.80 10.15
CA ARG G 94 -5.07 23.92 10.56
C ARG G 94 -4.60 22.49 10.81
N SER G 95 -3.41 22.12 10.34
CA SER G 95 -2.89 20.78 10.53
C SER G 95 -2.37 20.62 11.96
N GLN G 96 -2.83 19.56 12.64
CA GLN G 96 -2.42 19.27 14.00
C GLN G 96 -1.30 18.23 13.95
N LEU G 97 -0.06 18.71 13.99
CA LEU G 97 1.12 17.86 13.89
C LEU G 97 1.74 17.50 15.24
N ASP G 98 1.30 18.13 16.33
CA ASP G 98 1.87 17.91 17.65
C ASP G 98 0.75 17.43 18.58
N ILE G 99 0.22 16.23 18.33
CA ILE G 99 -0.97 15.70 18.99
C ILE G 99 -0.82 14.18 19.07
N SER G 100 -1.64 13.56 19.93
CA SER G 100 -1.58 12.11 20.13
C SER G 100 -1.54 11.34 18.82
N ASP G 101 -2.36 11.74 17.84
CA ASP G 101 -2.31 11.20 16.48
C ASP G 101 -2.30 12.36 15.49
N PRO G 102 -1.15 12.66 14.90
CA PRO G 102 -1.03 13.84 14.04
C PRO G 102 -1.55 13.60 12.64
N TYR G 103 -1.59 14.68 11.86
CA TYR G 103 -2.05 14.66 10.48
C TYR G 103 -1.75 16.02 9.86
N LYS G 104 -1.87 16.09 8.54
CA LYS G 104 -1.85 17.36 7.82
C LYS G 104 -3.21 17.60 7.17
N VAL G 105 -3.59 18.87 7.09
CA VAL G 105 -4.86 19.28 6.52
C VAL G 105 -4.55 19.89 5.16
N TYR G 106 -4.85 19.14 4.10
CA TYR G 106 -4.66 19.60 2.73
C TYR G 106 -5.99 20.05 2.13
N ARG G 107 -5.89 20.90 1.11
CA ARG G 107 -7.06 21.44 0.43
C ARG G 107 -6.88 21.34 -1.07
N ILE G 108 -7.90 20.85 -1.77
CA ILE G 108 -7.88 20.75 -3.21
C ILE G 108 -8.43 22.03 -3.80
N VAL G 109 -7.67 22.65 -4.70
CA VAL G 109 -8.07 23.90 -5.33
C VAL G 109 -8.57 23.61 -6.75
N PRO G 110 -9.58 24.35 -7.24
CA PRO G 110 -10.10 24.16 -8.60
C PRO G 110 -9.07 24.50 -9.67
N GLY H 3 21.45 19.82 -38.39
CA GLY H 3 22.09 18.81 -37.57
C GLY H 3 23.49 19.19 -37.12
N LYS H 4 23.60 20.38 -36.52
CA LYS H 4 24.91 20.87 -36.06
C LYS H 4 25.43 20.08 -34.86
N LEU H 5 24.57 19.39 -34.13
CA LEU H 5 24.98 18.73 -32.89
C LEU H 5 26.03 17.67 -33.14
N ARG H 6 25.87 16.86 -34.18
CA ARG H 6 26.78 15.76 -34.44
C ARG H 6 28.20 16.26 -34.67
N GLN H 7 28.38 17.15 -35.64
CA GLN H 7 29.71 17.65 -35.96
C GLN H 7 30.29 18.50 -34.84
N TRP H 8 29.44 19.26 -34.14
CA TRP H 8 29.94 20.12 -33.07
C TRP H 8 30.50 19.32 -31.91
N LEU H 9 29.80 18.25 -31.51
CA LEU H 9 30.25 17.45 -30.37
C LEU H 9 31.52 16.68 -30.71
N ILE H 10 31.58 16.09 -31.91
CA ILE H 10 32.79 15.38 -32.32
C ILE H 10 33.99 16.33 -32.35
N ASP H 11 33.76 17.58 -32.73
CA ASP H 11 34.83 18.57 -32.68
C ASP H 11 35.24 18.87 -31.24
N GLN H 12 34.32 18.73 -30.29
CA GLN H 12 34.64 19.00 -28.90
C GLN H 12 35.45 17.86 -28.28
N ILE H 13 35.14 16.62 -28.64
CA ILE H 13 35.90 15.48 -28.11
C ILE H 13 37.29 15.44 -28.70
N ASP H 14 37.40 15.63 -30.03
CA ASP H 14 38.70 15.63 -30.68
C ASP H 14 39.55 16.83 -30.26
N SER H 15 38.94 17.88 -29.73
CA SER H 15 39.70 19.04 -29.28
C SER H 15 40.54 18.72 -28.05
N GLY H 16 40.08 17.79 -27.22
CA GLY H 16 40.79 17.49 -25.98
C GLY H 16 40.85 18.64 -25.00
N LYS H 17 40.00 19.65 -25.18
CA LYS H 17 40.00 20.82 -24.32
C LYS H 17 39.04 20.70 -23.14
N TYR H 18 38.17 19.70 -23.14
CA TYR H 18 37.23 19.49 -22.05
C TYR H 18 37.62 18.23 -21.28
N PRO H 19 38.04 18.35 -20.03
CA PRO H 19 38.46 17.15 -19.27
C PRO H 19 37.33 16.13 -19.17
N GLY H 20 37.71 14.86 -19.24
CA GLY H 20 36.77 13.76 -19.21
C GLY H 20 36.09 13.47 -20.53
N LEU H 21 36.01 14.44 -21.44
CA LEU H 21 35.46 14.21 -22.78
C LEU H 21 36.52 13.48 -23.61
N VAL H 22 36.58 12.17 -23.42
CA VAL H 22 37.60 11.34 -24.03
C VAL H 22 36.95 10.19 -24.78
N TRP H 23 37.58 9.79 -25.88
CA TRP H 23 37.12 8.61 -26.62
C TRP H 23 37.40 7.35 -25.80
N GLU H 24 36.50 6.37 -25.93
CA GLU H 24 36.67 5.11 -25.26
C GLU H 24 37.43 4.09 -26.10
N ASN H 25 37.16 4.07 -27.41
CA ASN H 25 37.81 3.16 -28.33
C ASN H 25 38.63 3.93 -29.35
N GLU H 26 39.37 3.18 -30.18
CA GLU H 26 40.20 3.80 -31.19
C GLU H 26 39.43 4.17 -32.45
N GLU H 27 38.22 3.62 -32.63
CA GLU H 27 37.41 3.91 -33.80
C GLU H 27 36.69 5.24 -33.72
N LYS H 28 36.88 6.00 -32.64
CA LYS H 28 36.20 7.27 -32.44
C LYS H 28 34.68 7.12 -32.54
N SER H 29 34.17 6.07 -31.92
CA SER H 29 32.74 5.77 -31.95
C SER H 29 32.06 5.85 -30.60
N ILE H 30 32.74 5.46 -29.53
CA ILE H 30 32.21 5.53 -28.18
C ILE H 30 33.05 6.52 -27.39
N PHE H 31 32.40 7.43 -26.68
CA PHE H 31 33.08 8.47 -25.93
C PHE H 31 32.47 8.59 -24.54
N ARG H 32 33.25 9.20 -23.63
CA ARG H 32 32.80 9.48 -22.28
C ARG H 32 32.46 10.95 -22.14
N ILE H 33 31.28 11.23 -21.61
CA ILE H 33 30.83 12.59 -21.34
C ILE H 33 30.70 12.76 -19.83
N PRO H 34 31.51 13.62 -19.20
CA PRO H 34 31.40 13.80 -17.74
C PRO H 34 30.05 14.39 -17.36
N TRP H 35 29.34 13.70 -16.47
CA TRP H 35 28.00 14.09 -16.06
C TRP H 35 27.99 14.16 -14.53
N LYS H 36 28.21 15.35 -14.00
CA LYS H 36 28.24 15.58 -12.56
C LYS H 36 27.03 16.37 -12.10
N HIS H 37 26.60 16.11 -10.88
CA HIS H 37 25.52 16.87 -10.26
C HIS H 37 26.03 18.25 -9.87
N ALA H 38 25.12 19.22 -9.80
CA ALA H 38 25.48 20.58 -9.43
C ALA H 38 25.41 20.83 -7.93
N GLY H 39 24.84 19.91 -7.16
CA GLY H 39 24.70 20.09 -5.74
C GLY H 39 25.85 19.49 -4.93
N LYS H 40 26.52 18.50 -5.50
CA LYS H 40 27.65 17.89 -4.82
C LYS H 40 28.81 18.88 -4.71
N GLN H 41 29.56 18.74 -3.62
CA GLN H 41 30.79 19.52 -3.48
C GLN H 41 31.82 19.06 -4.52
N ASP H 42 32.91 19.82 -4.62
CA ASP H 42 33.92 19.61 -5.65
C ASP H 42 33.30 19.74 -7.05
N TYR H 43 32.49 20.77 -7.22
CA TYR H 43 31.84 20.99 -8.52
C TYR H 43 32.78 21.73 -9.47
N ASN H 44 33.23 22.92 -9.07
CA ASN H 44 34.06 23.77 -9.92
C ASN H 44 33.42 23.94 -11.30
N ARG H 45 32.32 24.71 -11.31
CA ARG H 45 31.51 24.87 -12.51
C ARG H 45 32.35 25.29 -13.71
N GLU H 46 33.43 26.03 -13.48
CA GLU H 46 34.29 26.53 -14.56
C GLU H 46 34.66 25.42 -15.55
N GLU H 47 34.99 24.23 -15.04
CA GLU H 47 35.41 23.12 -15.88
C GLU H 47 34.39 22.00 -15.95
N ASP H 48 33.29 22.10 -15.21
CA ASP H 48 32.26 21.06 -15.20
C ASP H 48 31.00 21.44 -15.96
N ALA H 49 30.72 22.72 -16.10
CA ALA H 49 29.65 23.20 -16.98
C ALA H 49 30.19 23.85 -18.23
N ALA H 50 31.49 23.68 -18.51
CA ALA H 50 32.12 24.36 -19.64
C ALA H 50 31.52 23.90 -20.97
N LEU H 51 31.31 22.59 -21.13
CA LEU H 51 30.71 22.09 -22.36
C LEU H 51 29.28 22.58 -22.51
N PHE H 52 28.48 22.47 -21.44
CA PHE H 52 27.09 22.93 -21.50
C PHE H 52 27.02 24.43 -21.71
N LYS H 53 28.03 25.17 -21.24
CA LYS H 53 28.12 26.59 -21.56
C LYS H 53 28.40 26.79 -23.05
N ALA H 54 29.37 26.06 -23.59
CA ALA H 54 29.76 26.24 -24.98
C ALA H 54 28.62 25.93 -25.93
N TRP H 55 27.76 24.97 -25.58
CA TRP H 55 26.59 24.69 -26.43
C TRP H 55 25.65 25.88 -26.47
N ALA H 56 25.51 26.59 -25.34
CA ALA H 56 24.68 27.78 -25.34
C ALA H 56 25.33 28.93 -26.10
N LEU H 57 26.66 28.95 -26.16
CA LEU H 57 27.34 29.98 -26.94
C LEU H 57 27.29 29.67 -28.44
N PHE H 58 27.47 28.41 -28.82
CA PHE H 58 27.49 28.05 -30.23
C PHE H 58 26.11 28.23 -30.86
N LYS H 59 25.08 27.64 -30.25
CA LYS H 59 23.73 27.74 -30.79
C LYS H 59 23.10 29.11 -30.58
N GLY H 60 23.82 30.06 -30.01
CA GLY H 60 23.29 31.40 -29.85
C GLY H 60 22.29 31.56 -28.72
N LYS H 61 22.36 30.71 -27.70
CA LYS H 61 21.44 30.80 -26.57
C LYS H 61 21.95 31.72 -25.47
N PHE H 62 23.28 31.85 -25.33
CA PHE H 62 23.87 32.66 -24.28
C PHE H 62 24.83 33.67 -24.90
N ARG H 63 24.64 34.94 -24.55
CA ARG H 63 25.53 36.03 -24.95
C ARG H 63 26.25 36.49 -23.69
N GLU H 64 27.51 36.09 -23.55
CA GLU H 64 28.26 36.37 -22.33
C GLU H 64 28.36 37.88 -22.09
N GLY H 65 27.80 38.34 -20.99
CA GLY H 65 27.78 39.74 -20.63
C GLY H 65 26.42 40.39 -20.78
N ILE H 66 25.51 39.80 -21.55
CA ILE H 66 24.20 40.38 -21.76
C ILE H 66 23.17 39.78 -20.80
N ASP H 67 23.11 38.47 -20.70
CA ASP H 67 22.15 37.78 -19.87
C ASP H 67 22.86 37.02 -18.74
N LYS H 68 22.06 36.54 -17.79
CA LYS H 68 22.59 35.89 -16.60
C LYS H 68 22.93 34.43 -16.90
N PRO H 69 24.12 33.97 -16.50
CA PRO H 69 24.45 32.55 -16.71
C PRO H 69 23.53 31.64 -15.92
N ASP H 70 23.26 30.47 -16.48
CA ASP H 70 22.42 29.47 -15.81
C ASP H 70 22.92 28.09 -16.20
N PRO H 71 23.81 27.50 -15.41
CA PRO H 71 24.28 26.14 -15.69
C PRO H 71 23.16 25.11 -15.73
N PRO H 72 22.09 25.21 -14.86
CA PRO H 72 21.01 24.24 -14.96
C PRO H 72 20.43 24.05 -16.36
N THR H 73 19.78 25.08 -16.91
CA THR H 73 19.11 24.92 -18.19
C THR H 73 20.10 24.78 -19.35
N TRP H 74 21.37 25.13 -19.15
CA TRP H 74 22.37 24.82 -20.16
C TRP H 74 22.54 23.32 -20.30
N LYS H 75 22.65 22.62 -19.17
CA LYS H 75 22.73 21.16 -19.22
C LYS H 75 21.38 20.56 -19.64
N ARG H 76 20.27 21.18 -19.23
CA ARG H 76 18.96 20.70 -19.66
C ARG H 76 18.82 20.77 -21.17
N ARG H 77 19.35 21.82 -21.78
CA ARG H 77 19.28 21.94 -23.24
C ARG H 77 20.14 20.90 -23.92
N LEU H 78 21.37 20.71 -23.43
CA LEU H 78 22.27 19.73 -24.04
C LEU H 78 21.76 18.31 -23.80
N ARG H 79 21.31 18.01 -22.59
CA ARG H 79 20.84 16.66 -22.29
C ARG H 79 19.59 16.32 -23.08
N CYS H 80 18.65 17.25 -23.19
CA CYS H 80 17.40 16.97 -23.88
C CYS H 80 17.63 16.82 -25.38
N ALA H 81 18.52 17.63 -25.95
CA ALA H 81 18.81 17.51 -27.38
C ALA H 81 19.63 16.26 -27.67
N LEU H 82 20.54 15.91 -26.76
CA LEU H 82 21.36 14.72 -26.95
C LEU H 82 20.51 13.45 -26.86
N ASN H 83 19.55 13.42 -25.94
CA ASN H 83 18.72 12.24 -25.77
C ASN H 83 17.76 12.06 -26.95
N LYS H 84 17.11 13.13 -27.36
CA LYS H 84 16.14 13.05 -28.45
C LYS H 84 16.80 12.84 -29.81
N SER H 85 18.07 13.16 -29.95
CA SER H 85 18.75 13.04 -31.24
C SER H 85 18.92 11.58 -31.62
N ASN H 86 18.68 11.28 -32.89
CA ASN H 86 18.88 9.94 -33.42
C ASN H 86 20.35 9.63 -33.69
N ASP H 87 21.22 10.64 -33.66
CA ASP H 87 22.63 10.45 -33.97
C ASP H 87 23.39 9.77 -32.84
N PHE H 88 22.86 9.78 -31.62
CA PHE H 88 23.55 9.23 -30.47
C PHE H 88 22.63 8.30 -29.69
N GLU H 89 23.24 7.30 -29.06
CA GLU H 89 22.55 6.35 -28.20
C GLU H 89 23.33 6.21 -26.90
N GLU H 90 22.60 6.10 -25.79
CA GLU H 90 23.21 6.10 -24.47
C GLU H 90 23.36 4.66 -24.00
N LEU H 91 24.59 4.28 -23.65
CA LEU H 91 24.86 2.95 -23.10
C LEU H 91 24.69 3.03 -21.59
N VAL H 92 23.46 2.77 -21.13
CA VAL H 92 23.12 2.98 -19.73
C VAL H 92 23.93 2.06 -18.82
N GLU H 93 24.20 0.84 -19.30
CA GLU H 93 24.96 -0.11 -18.49
C GLU H 93 26.39 0.37 -18.28
N ARG H 94 26.98 1.01 -19.29
CA ARG H 94 28.35 1.50 -19.20
C ARG H 94 28.44 2.89 -18.60
N SER H 95 27.31 3.57 -18.39
CA SER H 95 27.29 4.91 -17.81
C SER H 95 27.47 4.79 -16.31
N GLN H 96 28.71 4.76 -15.86
CA GLN H 96 29.03 4.69 -14.44
C GLN H 96 28.72 6.05 -13.81
N LEU H 97 27.58 6.15 -13.13
CA LEU H 97 27.13 7.40 -12.55
C LEU H 97 27.24 7.45 -11.03
N ASP H 98 27.33 6.30 -10.36
CA ASP H 98 27.44 6.28 -8.90
C ASP H 98 28.90 6.24 -8.45
N ILE H 99 29.73 7.10 -9.05
CA ILE H 99 31.13 7.24 -8.70
C ILE H 99 31.45 8.72 -8.56
N SER H 100 32.63 8.99 -8.00
CA SER H 100 33.12 10.36 -7.90
C SER H 100 33.61 10.81 -9.27
N ASP H 101 33.24 12.02 -9.66
CA ASP H 101 33.40 12.51 -11.03
C ASP H 101 32.81 11.52 -12.02
N PRO H 102 31.49 11.30 -11.99
CA PRO H 102 30.89 10.30 -12.88
C PRO H 102 30.85 10.75 -14.33
N TYR H 103 30.32 9.90 -15.20
CA TYR H 103 30.38 10.14 -16.63
C TYR H 103 29.38 9.24 -17.34
N LYS H 104 28.62 9.81 -18.27
CA LYS H 104 27.74 9.03 -19.12
C LYS H 104 28.52 8.47 -20.30
N VAL H 105 27.98 7.41 -20.91
CA VAL H 105 28.60 6.76 -22.05
C VAL H 105 27.63 6.81 -23.22
N TYR H 106 28.09 7.35 -24.35
CA TYR H 106 27.28 7.52 -25.54
C TYR H 106 28.00 6.93 -26.74
N ARG H 107 27.23 6.32 -27.65
CA ARG H 107 27.76 5.78 -28.89
C ARG H 107 27.18 6.56 -30.06
N ILE H 108 28.00 6.75 -31.09
CA ILE H 108 27.60 7.46 -32.30
C ILE H 108 27.18 6.44 -33.34
N VAL H 109 25.92 6.48 -33.75
CA VAL H 109 25.39 5.58 -34.78
C VAL H 109 25.58 6.24 -36.14
N PRO H 110 26.14 5.54 -37.13
CA PRO H 110 26.40 6.18 -38.42
C PRO H 110 25.12 6.41 -39.21
N GLU H 111 25.15 7.45 -40.04
CA GLU H 111 24.01 7.80 -40.88
C GLU H 111 24.46 8.73 -42.01
#